data_6K2Y
#
_entry.id   6K2Y
#
_cell.length_a   35.629
_cell.length_b   63.223
_cell.length_c   130.936
_cell.angle_alpha   90.000
_cell.angle_beta   90.000
_cell.angle_gamma   90.000
#
_symmetry.space_group_name_H-M   'P 21 21 21'
#
loop_
_entity.id
_entity.type
_entity.pdbx_description
1 polymer 'Placental protein 13-like'
2 water water
#
_entity_poly.entity_id   1
_entity_poly.type   'polypeptide(L)'
_entity_poly.pdbx_seq_one_letter_code
;GSHMSSLPVPYTLPVSLPVGSCVIITGTPILTFVKDPQLEVNFYTGMDEDSDIAFQFRLHFGHPAIMNSCVFGIWRYEEK
CYYLPFEDGKPFELCIYVRHKEYKVMVNGQRIYNFAHRFPPASVKMLQVFRDISLTRVLISD
;
_entity_poly.pdbx_strand_id   A,B
#
# COMPACT_ATOMS: atom_id res chain seq x y z
N SER A 5 23.38 -18.73 1.25
CA SER A 5 22.01 -19.17 0.98
C SER A 5 21.33 -18.28 -0.06
N SER A 6 21.99 -17.17 -0.41
CA SER A 6 21.29 -16.11 -1.13
C SER A 6 21.98 -15.65 -2.41
N LEU A 7 21.43 -14.60 -3.00
CA LEU A 7 21.91 -13.94 -4.20
C LEU A 7 22.25 -12.50 -3.87
N PRO A 8 23.25 -11.91 -4.52
CA PRO A 8 23.57 -10.50 -4.25
C PRO A 8 22.44 -9.59 -4.67
N VAL A 9 22.32 -8.47 -3.97
CA VAL A 9 21.32 -7.44 -4.27
C VAL A 9 22.06 -6.11 -4.38
N PRO A 10 21.89 -5.34 -5.48
CA PRO A 10 21.09 -5.61 -6.67
C PRO A 10 21.57 -6.81 -7.47
N TYR A 11 20.62 -7.49 -8.11
CA TYR A 11 20.89 -8.69 -8.87
C TYR A 11 20.55 -8.40 -10.32
N THR A 12 21.51 -8.63 -11.21
CA THR A 12 21.32 -8.39 -12.63
C THR A 12 21.64 -9.67 -13.38
N LEU A 13 20.80 -10.01 -14.35
CA LEU A 13 20.87 -11.29 -15.04
C LEU A 13 20.45 -11.10 -16.50
N PRO A 14 21.29 -11.43 -17.48
CA PRO A 14 20.79 -11.51 -18.85
C PRO A 14 19.73 -12.60 -18.93
N VAL A 15 18.64 -12.31 -19.63
CA VAL A 15 17.51 -13.23 -19.71
C VAL A 15 16.92 -13.22 -21.10
N SER A 16 16.23 -14.32 -21.41
CA SER A 16 15.34 -14.44 -22.54
C SER A 16 13.98 -14.84 -22.00
N LEU A 17 12.95 -14.06 -22.31
CA LEU A 17 11.62 -14.21 -21.72
C LEU A 17 10.58 -14.34 -22.83
N PRO A 18 10.61 -15.43 -23.58
CA PRO A 18 9.61 -15.64 -24.63
C PRO A 18 8.25 -15.97 -24.03
N VAL A 19 7.23 -15.89 -24.90
CA VAL A 19 5.88 -16.29 -24.50
C VAL A 19 5.90 -17.72 -24.00
N GLY A 20 5.26 -17.96 -22.86
CA GLY A 20 5.28 -19.25 -22.23
C GLY A 20 6.34 -19.42 -21.18
N SER A 21 7.27 -18.48 -21.07
CA SER A 21 8.24 -18.55 -19.98
C SER A 21 7.69 -17.84 -18.76
N CYS A 22 8.36 -18.06 -17.63
CA CYS A 22 7.99 -17.45 -16.33
C CYS A 22 9.26 -17.03 -15.59
N VAL A 23 9.25 -15.85 -14.98
CA VAL A 23 10.33 -15.43 -14.10
C VAL A 23 9.87 -15.71 -12.68
N ILE A 24 10.62 -16.50 -11.94
CA ILE A 24 10.31 -16.80 -10.56
C ILE A 24 11.35 -16.12 -9.70
N ILE A 25 10.89 -15.30 -8.76
CA ILE A 25 11.74 -14.56 -7.85
C ILE A 25 11.25 -14.83 -6.45
N THR A 26 12.11 -15.40 -5.60
CA THR A 26 11.73 -15.64 -4.22
C THR A 26 12.71 -14.96 -3.28
N GLY A 27 12.22 -14.56 -2.13
CA GLY A 27 13.08 -13.91 -1.16
C GLY A 27 12.28 -13.52 0.07
N THR A 28 12.94 -12.72 0.90
CA THR A 28 12.34 -12.26 2.16
C THR A 28 12.45 -10.74 2.23
N PRO A 29 11.37 -10.04 2.55
CA PRO A 29 11.47 -8.59 2.72
C PRO A 29 12.40 -8.26 3.87
N ILE A 30 13.14 -7.17 3.72
CA ILE A 30 13.95 -6.59 4.79
C ILE A 30 13.19 -5.34 5.23
N LEU A 31 12.68 -5.37 6.46
CA LEU A 31 11.77 -4.33 6.91
C LEU A 31 12.42 -3.37 7.90
N THR A 32 13.74 -3.43 8.05
CA THR A 32 14.40 -2.78 9.18
C THR A 32 15.29 -1.59 8.81
N PHE A 33 15.48 -1.29 7.51
CA PHE A 33 16.39 -0.22 7.14
C PHE A 33 15.74 1.01 6.55
N VAL A 34 14.54 0.89 5.95
CA VAL A 34 13.87 2.03 5.35
C VAL A 34 12.41 2.03 5.76
N LYS A 35 11.80 3.22 5.66
CA LYS A 35 10.43 3.42 6.12
C LYS A 35 9.41 2.80 5.16
N ASP A 36 9.72 2.77 3.87
CA ASP A 36 8.82 2.27 2.83
C ASP A 36 9.53 1.13 2.11
N PRO A 37 9.70 -0.02 2.76
CA PRO A 37 10.47 -1.10 2.14
C PRO A 37 9.70 -1.67 0.96
N GLN A 38 10.43 -1.95 -0.12
CA GLN A 38 9.78 -2.37 -1.35
C GLN A 38 10.70 -3.30 -2.12
N LEU A 39 10.12 -3.93 -3.13
CA LEU A 39 10.82 -4.78 -4.07
C LEU A 39 10.71 -4.13 -5.44
N GLU A 40 11.82 -4.05 -6.18
CA GLU A 40 11.78 -3.50 -7.53
C GLU A 40 12.36 -4.51 -8.50
N VAL A 41 11.62 -4.81 -9.55
CA VAL A 41 12.05 -5.71 -10.61
C VAL A 41 11.95 -4.96 -11.93
N ASN A 42 13.04 -4.93 -12.71
CA ASN A 42 13.05 -4.26 -14.00
C ASN A 42 13.40 -5.25 -15.12
N PHE A 43 12.64 -5.19 -16.21
CA PHE A 43 12.95 -5.91 -17.45
C PHE A 43 13.50 -4.88 -18.43
N TYR A 44 14.79 -4.98 -18.74
CA TYR A 44 15.42 -4.03 -19.65
C TYR A 44 15.46 -4.59 -21.07
N THR A 45 15.43 -3.69 -22.05
CA THR A 45 15.52 -4.06 -23.45
C THR A 45 16.96 -4.03 -23.98
N GLY A 46 17.94 -3.84 -23.09
CA GLY A 46 19.34 -3.87 -23.46
C GLY A 46 20.13 -4.19 -22.21
N MET A 47 21.47 -4.17 -22.34
CA MET A 47 22.34 -4.55 -21.24
C MET A 47 22.86 -3.35 -20.46
N ASP A 48 22.68 -2.13 -20.94
CA ASP A 48 23.14 -0.96 -20.21
C ASP A 48 22.09 -0.50 -19.22
N GLU A 49 22.53 0.24 -18.20
CA GLU A 49 21.58 0.97 -17.37
C GLU A 49 20.90 2.08 -18.17
N ASP A 50 21.45 2.40 -19.34
CA ASP A 50 20.90 3.39 -20.25
C ASP A 50 19.65 2.90 -20.96
N SER A 51 19.45 1.59 -21.08
CA SER A 51 18.45 1.09 -22.00
C SER A 51 17.04 1.26 -21.45
N ASP A 52 16.07 1.05 -22.32
CA ASP A 52 14.66 1.18 -21.95
C ASP A 52 14.25 0.05 -21.01
N ILE A 53 13.16 0.27 -20.29
CA ILE A 53 12.59 -0.72 -19.39
C ILE A 53 11.22 -1.10 -19.94
N ALA A 54 11.11 -2.35 -20.41
CA ALA A 54 9.85 -2.85 -20.94
C ALA A 54 8.82 -3.00 -19.85
N PHE A 55 9.26 -3.29 -18.63
CA PHE A 55 8.32 -3.62 -17.55
C PHE A 55 9.06 -3.43 -16.24
N GLN A 56 8.49 -2.60 -15.37
CA GLN A 56 8.97 -2.43 -14.01
C GLN A 56 7.86 -2.90 -13.09
N PHE A 57 8.21 -3.67 -12.08
CA PHE A 57 7.27 -4.07 -11.03
C PHE A 57 7.83 -3.59 -9.71
N ARG A 58 7.06 -2.77 -8.99
CA ARG A 58 7.44 -2.31 -7.67
C ARG A 58 6.35 -2.71 -6.68
N LEU A 59 6.73 -3.41 -5.62
CA LEU A 59 5.78 -3.88 -4.61
C LEU A 59 6.16 -3.29 -3.27
N HIS A 60 5.20 -2.66 -2.60
CA HIS A 60 5.44 -2.11 -1.26
C HIS A 60 5.06 -3.16 -0.23
N PHE A 61 5.96 -3.42 0.71
CA PHE A 61 5.70 -4.45 1.71
C PHE A 61 4.84 -3.97 2.87
N GLY A 62 4.63 -2.67 3.03
CA GLY A 62 3.77 -2.13 4.05
C GLY A 62 2.41 -1.74 3.51
N HIS A 63 1.56 -1.24 4.42
CA HIS A 63 0.21 -0.81 4.08
C HIS A 63 0.17 0.71 4.07
N PRO A 64 -0.13 1.38 2.96
CA PRO A 64 -0.11 2.85 2.97
C PRO A 64 -1.26 3.41 3.78
N ALA A 65 -0.94 4.39 4.62
CA ALA A 65 -1.88 5.13 5.45
C ALA A 65 -1.73 6.59 5.09
N ILE A 66 -2.84 7.23 4.72
CA ILE A 66 -2.79 8.59 4.17
C ILE A 66 -3.63 9.49 5.05
N MET A 67 -3.05 10.62 5.46
CA MET A 67 -3.75 11.55 6.33
C MET A 67 -3.73 12.93 5.70
N ASN A 68 -4.80 13.70 5.94
CA ASN A 68 -4.97 14.98 5.25
C ASN A 68 -6.09 15.75 5.94
N SER A 69 -6.34 16.96 5.45
CA SER A 69 -7.44 17.79 5.89
C SER A 69 -8.13 18.36 4.66
N CYS A 70 -9.40 18.68 4.81
CA CYS A 70 -10.18 19.29 3.74
C CYS A 70 -10.71 20.62 4.25
N VAL A 71 -10.28 21.71 3.61
CA VAL A 71 -10.60 23.06 4.07
C VAL A 71 -11.10 23.85 2.87
N PHE A 72 -12.29 24.47 3.01
CA PHE A 72 -12.97 25.18 1.92
C PHE A 72 -13.21 24.27 0.71
N GLY A 73 -13.54 23.01 0.98
CA GLY A 73 -13.83 22.06 -0.07
C GLY A 73 -12.64 21.48 -0.78
N ILE A 74 -11.42 21.79 -0.33
CA ILE A 74 -10.18 21.44 -1.03
C ILE A 74 -9.33 20.58 -0.09
N TRP A 75 -8.98 19.37 -0.55
CA TRP A 75 -8.01 18.57 0.18
C TRP A 75 -6.64 19.24 0.14
N ARG A 76 -5.92 19.16 1.26
CA ARG A 76 -4.69 19.89 1.41
C ARG A 76 -3.46 18.99 1.30
N TYR A 77 -2.45 19.27 2.13
CA TYR A 77 -1.18 18.58 2.03
C TYR A 77 -1.31 17.17 2.59
N GLU A 78 -1.01 16.16 1.77
CA GLU A 78 -1.13 14.79 2.23
C GLU A 78 0.09 14.39 3.05
N GLU A 79 -0.15 13.67 4.15
CA GLU A 79 0.89 13.05 4.95
C GLU A 79 0.70 11.54 4.87
N LYS A 80 1.75 10.82 4.53
CA LYS A 80 1.65 9.41 4.23
C LYS A 80 2.70 8.63 5.01
N CYS A 81 2.32 7.42 5.45
CA CYS A 81 3.31 6.50 5.98
C CYS A 81 2.91 5.09 5.58
N TYR A 82 3.80 4.14 5.84
CA TYR A 82 3.53 2.73 5.56
C TYR A 82 3.47 1.97 6.88
N TYR A 83 2.32 1.38 7.15
CA TYR A 83 2.13 0.56 8.33
C TYR A 83 2.76 -0.81 8.11
N LEU A 84 3.69 -1.18 8.99
CA LEU A 84 4.33 -2.50 8.97
C LEU A 84 3.90 -3.26 10.22
N PRO A 85 2.96 -4.20 10.11
CA PRO A 85 2.43 -4.88 11.30
C PRO A 85 3.47 -5.76 11.98
N PHE A 86 3.81 -6.87 11.33
CA PHE A 86 4.86 -7.76 11.83
C PHE A 86 6.21 -7.14 11.50
N GLU A 87 7.20 -7.38 12.33
CA GLU A 87 8.50 -6.78 12.08
C GLU A 87 9.44 -7.73 11.33
N ASP A 88 9.06 -8.99 11.12
CA ASP A 88 9.72 -9.86 10.16
C ASP A 88 8.87 -9.98 8.92
N GLY A 89 9.51 -9.92 7.75
CA GLY A 89 8.79 -10.02 6.51
C GLY A 89 8.35 -11.43 6.20
N LYS A 90 7.22 -11.53 5.51
CA LYS A 90 6.76 -12.81 5.01
C LYS A 90 7.52 -13.15 3.73
N PRO A 91 8.26 -14.26 3.68
CA PRO A 91 8.86 -14.68 2.42
C PRO A 91 7.83 -14.73 1.30
N PHE A 92 8.26 -14.36 0.10
CA PHE A 92 7.37 -14.19 -1.04
C PHE A 92 7.92 -14.96 -2.22
N GLU A 93 7.02 -15.38 -3.09
CA GLU A 93 7.35 -15.81 -4.44
C GLU A 93 6.64 -14.87 -5.42
N LEU A 94 7.43 -14.20 -6.24
CA LEU A 94 6.91 -13.40 -7.34
C LEU A 94 7.06 -14.22 -8.60
N CYS A 95 5.95 -14.40 -9.31
CA CYS A 95 6.00 -15.12 -10.60
C CYS A 95 5.44 -14.21 -11.69
N ILE A 96 6.25 -13.92 -12.69
CA ILE A 96 5.83 -13.11 -13.82
C ILE A 96 5.80 -14.04 -15.03
N TYR A 97 4.59 -14.39 -15.48
CA TYR A 97 4.40 -15.32 -16.57
C TYR A 97 4.19 -14.53 -17.85
N VAL A 98 4.90 -14.92 -18.90
CA VAL A 98 4.86 -14.20 -20.18
C VAL A 98 3.78 -14.83 -21.05
N ARG A 99 2.66 -14.14 -21.21
CA ARG A 99 1.61 -14.53 -22.16
C ARG A 99 1.80 -13.73 -23.45
N HIS A 100 1.01 -14.09 -24.48
CA HIS A 100 1.26 -13.47 -25.78
C HIS A 100 1.08 -11.96 -25.74
N LYS A 101 0.09 -11.48 -25.00
CA LYS A 101 -0.20 -10.07 -25.02
C LYS A 101 0.00 -9.39 -23.69
N GLU A 102 0.38 -10.13 -22.64
CA GLU A 102 0.47 -9.55 -21.31
C GLU A 102 1.50 -10.30 -20.49
N TYR A 103 1.96 -9.65 -19.44
CA TYR A 103 2.61 -10.33 -18.32
C TYR A 103 1.55 -10.59 -17.26
N LYS A 104 1.43 -11.86 -16.86
CA LYS A 104 0.53 -12.21 -15.77
C LYS A 104 1.35 -12.24 -14.49
N VAL A 105 1.01 -11.35 -13.56
CA VAL A 105 1.80 -11.12 -12.36
C VAL A 105 1.13 -11.82 -11.19
N MET A 106 1.88 -12.69 -10.52
CA MET A 106 1.40 -13.45 -9.37
C MET A 106 2.33 -13.24 -8.19
N VAL A 107 1.75 -13.05 -7.01
CA VAL A 107 2.48 -12.97 -5.75
C VAL A 107 1.95 -14.08 -4.86
N ASN A 108 2.84 -14.96 -4.43
CA ASN A 108 2.48 -16.10 -3.58
C ASN A 108 1.37 -16.92 -4.21
N GLY A 109 1.47 -17.14 -5.52
CA GLY A 109 0.52 -17.93 -6.26
C GLY A 109 -0.78 -17.24 -6.56
N GLN A 110 -0.97 -16.00 -6.11
CA GLN A 110 -2.20 -15.24 -6.34
C GLN A 110 -1.99 -14.25 -7.48
N ARG A 111 -2.78 -14.38 -8.55
CA ARG A 111 -2.68 -13.41 -9.62
C ARG A 111 -3.14 -12.05 -9.14
N ILE A 112 -2.32 -11.02 -9.34
CA ILE A 112 -2.68 -9.66 -8.94
C ILE A 112 -2.87 -8.72 -10.13
N TYR A 113 -2.34 -9.04 -11.31
CA TYR A 113 -2.43 -8.07 -12.40
C TYR A 113 -2.05 -8.73 -13.70
N ASN A 114 -2.64 -8.24 -14.79
CA ASN A 114 -2.25 -8.61 -16.15
C ASN A 114 -1.81 -7.34 -16.85
N PHE A 115 -0.52 -7.25 -17.13
CA PHE A 115 0.11 -6.04 -17.67
C PHE A 115 0.29 -6.22 -19.17
N ALA A 116 -0.42 -5.44 -19.97
CA ALA A 116 -0.32 -5.61 -21.42
C ALA A 116 1.07 -5.19 -21.91
N HIS A 117 1.61 -5.99 -22.84
CA HIS A 117 2.95 -5.71 -23.35
C HIS A 117 3.01 -4.34 -24.01
N ARG A 118 4.07 -3.59 -23.70
CA ARG A 118 4.38 -2.35 -24.40
C ARG A 118 5.59 -2.46 -25.30
N PHE A 119 6.35 -3.54 -25.18
CA PHE A 119 7.36 -4.04 -26.11
C PHE A 119 7.05 -5.49 -26.40
N PRO A 120 7.44 -6.01 -27.56
CA PRO A 120 7.42 -7.45 -27.76
C PRO A 120 8.24 -8.13 -26.67
N PRO A 121 7.74 -9.24 -26.11
CA PRO A 121 8.49 -9.92 -25.04
C PRO A 121 9.91 -10.27 -25.42
N ALA A 122 10.16 -10.56 -26.69
CA ALA A 122 11.52 -10.87 -27.12
C ALA A 122 12.46 -9.69 -27.01
N SER A 123 11.95 -8.47 -26.82
CA SER A 123 12.81 -7.31 -26.66
C SER A 123 13.55 -7.32 -25.34
N VAL A 124 13.09 -8.09 -24.36
CA VAL A 124 13.70 -8.05 -23.03
C VAL A 124 15.02 -8.83 -23.06
N LYS A 125 16.09 -8.18 -22.59
CA LYS A 125 17.41 -8.78 -22.61
C LYS A 125 18.01 -8.96 -21.23
N MET A 126 17.50 -8.28 -20.20
CA MET A 126 18.19 -8.24 -18.93
C MET A 126 17.17 -8.02 -17.82
N LEU A 127 17.39 -8.71 -16.72
CA LEU A 127 16.54 -8.62 -15.53
C LEU A 127 17.33 -7.98 -14.41
N GLN A 128 16.68 -7.08 -13.67
CA GLN A 128 17.28 -6.47 -12.49
C GLN A 128 16.32 -6.59 -11.32
N VAL A 129 16.82 -7.03 -10.16
CA VAL A 129 16.03 -7.22 -8.95
C VAL A 129 16.78 -6.54 -7.81
N PHE A 130 16.12 -5.62 -7.11
CA PHE A 130 16.83 -4.96 -6.02
C PHE A 130 15.86 -4.28 -5.05
N ARG A 131 16.43 -3.49 -4.13
CA ARG A 131 15.85 -2.80 -2.99
C ARG A 131 15.76 -3.71 -1.77
N ASP A 132 14.65 -3.69 -1.05
CA ASP A 132 14.64 -4.13 0.35
C ASP A 132 14.27 -5.60 0.51
N ILE A 133 15.11 -6.46 -0.07
CA ILE A 133 14.88 -7.89 -0.08
C ILE A 133 16.18 -8.64 0.17
N SER A 134 16.06 -9.77 0.85
CA SER A 134 17.06 -10.84 0.78
C SER A 134 16.60 -11.78 -0.33
N LEU A 135 17.43 -11.95 -1.34
CA LEU A 135 17.05 -12.72 -2.52
C LEU A 135 17.45 -14.19 -2.36
N THR A 136 16.50 -15.08 -2.55
CA THR A 136 16.74 -16.51 -2.37
C THR A 136 16.94 -17.25 -3.69
N ARG A 137 16.03 -17.07 -4.64
CA ARG A 137 16.11 -17.74 -5.93
C ARG A 137 15.66 -16.79 -7.02
N VAL A 138 16.31 -16.86 -8.18
CA VAL A 138 15.83 -16.21 -9.39
C VAL A 138 16.00 -17.21 -10.52
N LEU A 139 14.90 -17.62 -11.14
CA LEU A 139 15.04 -18.56 -12.24
C LEU A 139 13.98 -18.26 -13.29
N ILE A 140 14.23 -18.78 -14.49
CA ILE A 140 13.32 -18.66 -15.61
C ILE A 140 12.82 -20.07 -15.89
N SER A 141 11.50 -20.23 -15.85
CA SER A 141 10.88 -21.54 -15.99
C SER A 141 9.96 -21.55 -17.22
N ASP A 142 9.50 -22.75 -17.57
CA ASP A 142 8.65 -22.93 -18.75
C ASP A 142 7.63 -24.05 -18.49
N SER B 6 -22.71 -6.14 14.32
CA SER B 6 -22.05 -5.22 13.41
C SER B 6 -22.71 -3.83 13.44
N LEU B 7 -21.90 -2.81 13.72
CA LEU B 7 -22.38 -1.44 13.68
C LEU B 7 -22.65 -1.03 12.23
N PRO B 8 -23.60 -0.12 12.01
CA PRO B 8 -23.87 0.32 10.64
C PRO B 8 -22.67 1.04 10.04
N VAL B 9 -22.54 0.91 8.73
CA VAL B 9 -21.47 1.55 7.96
C VAL B 9 -22.12 2.19 6.73
N PRO B 10 -21.93 3.50 6.48
CA PRO B 10 -21.14 4.45 7.27
C PRO B 10 -21.67 4.68 8.66
N TYR B 11 -20.75 5.00 9.56
CA TYR B 11 -21.06 5.28 10.96
C TYR B 11 -20.69 6.72 11.24
N THR B 12 -21.67 7.53 11.59
CA THR B 12 -21.44 8.94 11.88
C THR B 12 -21.94 9.25 13.28
N LEU B 13 -21.14 10.01 14.01
CA LEU B 13 -21.32 10.21 15.44
C LEU B 13 -20.90 11.63 15.79
N PRO B 14 -21.78 12.43 16.40
CA PRO B 14 -21.30 13.67 17.03
C PRO B 14 -20.31 13.33 18.12
N VAL B 15 -19.22 14.10 18.20
CA VAL B 15 -18.15 13.83 19.15
C VAL B 15 -17.59 15.12 19.71
N SER B 16 -16.95 14.98 20.86
CA SER B 16 -16.10 16.01 21.44
C SER B 16 -14.78 15.32 21.71
N LEU B 17 -13.68 15.90 21.20
CA LEU B 17 -12.36 15.26 21.23
C LEU B 17 -11.35 16.19 21.87
N PRO B 18 -11.42 16.39 23.18
CA PRO B 18 -10.43 17.22 23.87
C PRO B 18 -9.11 16.50 24.01
N VAL B 19 -8.06 17.30 24.28
CA VAL B 19 -6.75 16.74 24.58
C VAL B 19 -6.89 15.74 25.71
N GLY B 20 -6.28 14.55 25.53
CA GLY B 20 -6.39 13.47 26.49
C GLY B 20 -7.40 12.40 26.14
N SER B 21 -8.26 12.63 25.15
CA SER B 21 -9.20 11.60 24.74
C SER B 21 -8.56 10.71 23.65
N CYS B 22 -9.23 9.62 23.39
CA CYS B 22 -8.77 8.67 22.36
C CYS B 22 -10.00 8.16 21.59
N VAL B 23 -9.93 8.19 20.29
CA VAL B 23 -10.93 7.59 19.43
C VAL B 23 -10.52 6.13 19.22
N ILE B 24 -11.37 5.18 19.63
CA ILE B 24 -11.07 3.76 19.45
C ILE B 24 -12.05 3.20 18.43
N ILE B 25 -11.52 2.58 17.38
CA ILE B 25 -12.34 1.99 16.33
C ILE B 25 -11.83 0.56 16.11
N THR B 26 -12.73 -0.41 16.24
CA THR B 26 -12.37 -1.80 15.97
C THR B 26 -13.32 -2.37 14.91
N GLY B 27 -12.79 -3.29 14.11
CA GLY B 27 -13.60 -3.93 13.10
C GLY B 27 -12.76 -4.93 12.35
N THR B 28 -13.33 -5.46 11.27
CA THR B 28 -12.54 -6.36 10.44
C THR B 28 -12.65 -5.93 8.98
N PRO B 29 -11.54 -5.99 8.24
CA PRO B 29 -11.58 -5.60 6.84
C PRO B 29 -12.48 -6.52 6.03
N ILE B 30 -13.10 -5.94 5.01
CA ILE B 30 -13.87 -6.68 4.02
C ILE B 30 -13.07 -6.63 2.73
N LEU B 31 -12.57 -7.79 2.29
CA LEU B 31 -11.58 -7.86 1.22
C LEU B 31 -12.14 -8.44 -0.07
N THR B 32 -13.44 -8.67 -0.16
CA THR B 32 -14.01 -9.48 -1.23
C THR B 32 -14.87 -8.71 -2.21
N PHE B 33 -15.11 -7.41 -1.99
CA PHE B 33 -16.00 -6.65 -2.87
C PHE B 33 -15.28 -5.65 -3.77
N VAL B 34 -14.19 -5.03 -3.31
CA VAL B 34 -13.49 -4.03 -4.11
C VAL B 34 -12.03 -4.44 -4.23
N LYS B 35 -11.38 -3.91 -5.26
CA LYS B 35 -9.99 -4.25 -5.53
C LYS B 35 -9.02 -3.53 -4.59
N ASP B 36 -9.41 -2.38 -4.05
CA ASP B 36 -8.56 -1.60 -3.14
C ASP B 36 -9.33 -1.34 -1.84
N PRO B 37 -9.52 -2.36 -1.01
CA PRO B 37 -10.29 -2.15 0.22
C PRO B 37 -9.54 -1.26 1.20
N GLN B 38 -10.27 -0.33 1.79
CA GLN B 38 -9.64 0.60 2.72
C GLN B 38 -10.59 0.94 3.85
N LEU B 39 -10.03 1.62 4.85
CA LEU B 39 -10.77 2.19 5.96
C LEU B 39 -10.61 3.70 5.88
N GLU B 40 -11.70 4.43 6.08
CA GLU B 40 -11.66 5.89 6.02
C GLU B 40 -12.31 6.43 7.28
N VAL B 41 -11.59 7.31 7.97
CA VAL B 41 -12.07 7.94 9.19
C VAL B 41 -11.91 9.43 9.01
N ASN B 42 -13.00 10.19 9.19
CA ASN B 42 -12.99 11.65 9.02
C ASN B 42 -13.43 12.32 10.30
N PHE B 43 -12.66 13.34 10.74
CA PHE B 43 -13.03 14.25 11.83
C PHE B 43 -13.52 15.54 11.17
N TYR B 44 -14.83 15.82 11.28
CA TYR B 44 -15.45 16.99 10.66
C TYR B 44 -15.57 18.12 11.66
N THR B 45 -15.50 19.36 11.17
CA THR B 45 -15.61 20.52 12.03
C THR B 45 -17.03 21.07 12.09
N GLY B 46 -18.00 20.31 11.62
CA GLY B 46 -19.40 20.65 11.71
C GLY B 46 -20.18 19.39 11.46
N MET B 47 -21.51 19.52 11.44
CA MET B 47 -22.40 18.39 11.26
C MET B 47 -22.82 18.19 9.80
N ASP B 48 -22.56 19.16 8.93
CA ASP B 48 -22.93 18.99 7.53
C ASP B 48 -21.90 18.13 6.81
N GLU B 49 -22.34 17.49 5.73
CA GLU B 49 -21.38 16.76 4.93
C GLU B 49 -20.47 17.69 4.13
N ASP B 50 -20.88 18.94 3.93
CA ASP B 50 -19.98 19.93 3.35
C ASP B 50 -19.16 20.67 4.39
N SER B 51 -19.10 20.15 5.63
CA SER B 51 -18.21 20.73 6.61
C SER B 51 -16.75 20.41 6.26
N ASP B 52 -15.85 21.20 6.81
CA ASP B 52 -14.42 20.94 6.65
C ASP B 52 -14.03 19.69 7.43
N ILE B 53 -12.98 19.02 6.96
CA ILE B 53 -12.42 17.86 7.64
C ILE B 53 -11.10 18.27 8.27
N ALA B 54 -11.05 18.24 9.60
CA ALA B 54 -9.81 18.59 10.31
C ALA B 54 -8.76 17.51 10.18
N PHE B 55 -9.18 16.25 10.03
CA PHE B 55 -8.25 15.14 10.02
C PHE B 55 -8.94 13.98 9.32
N GLN B 56 -8.30 13.45 8.29
CA GLN B 56 -8.75 12.23 7.64
C GLN B 56 -7.66 11.19 7.80
N PHE B 57 -8.06 9.96 8.11
CA PHE B 57 -7.14 8.83 8.14
C PHE B 57 -7.69 7.79 7.19
N ARG B 58 -6.89 7.42 6.19
CA ARG B 58 -7.26 6.41 5.22
C ARG B 58 -6.18 5.33 5.24
N LEU B 59 -6.58 4.08 5.42
CA LEU B 59 -5.65 2.97 5.46
C LEU B 59 -6.03 1.97 4.39
N HIS B 60 -5.06 1.59 3.56
CA HIS B 60 -5.24 0.57 2.54
C HIS B 60 -4.91 -0.79 3.15
N PHE B 61 -5.84 -1.73 3.05
CA PHE B 61 -5.59 -3.04 3.64
C PHE B 61 -4.66 -3.91 2.81
N GLY B 62 -4.50 -3.60 1.52
CA GLY B 62 -3.61 -4.35 0.66
C GLY B 62 -2.23 -3.71 0.54
N HIS B 63 -1.38 -4.37 -0.27
CA HIS B 63 -0.04 -3.87 -0.56
C HIS B 63 -0.01 -3.31 -1.96
N PRO B 64 0.35 -2.04 -2.15
CA PRO B 64 0.34 -1.48 -3.50
C PRO B 64 1.48 -2.06 -4.33
N ALA B 65 1.15 -2.36 -5.58
CA ALA B 65 2.11 -2.79 -6.58
C ALA B 65 1.96 -1.87 -7.78
N ILE B 66 3.07 -1.34 -8.27
CA ILE B 66 3.04 -0.31 -9.30
C ILE B 66 3.86 -0.79 -10.48
N MET B 67 3.29 -0.73 -11.68
CA MET B 67 3.98 -1.17 -12.87
C MET B 67 4.06 -0.04 -13.90
N ASN B 68 5.16 -0.02 -14.65
CA ASN B 68 5.36 1.03 -15.64
C ASN B 68 6.38 0.55 -16.65
N SER B 69 6.64 1.41 -17.65
CA SER B 69 7.70 1.22 -18.62
C SER B 69 8.48 2.52 -18.72
N CYS B 70 9.72 2.41 -19.16
CA CYS B 70 10.58 3.57 -19.38
C CYS B 70 11.03 3.51 -20.83
N VAL B 71 10.60 4.49 -21.62
CA VAL B 71 10.85 4.49 -23.06
C VAL B 71 11.47 5.83 -23.42
N PHE B 72 12.61 5.80 -24.11
CA PHE B 72 13.37 7.02 -24.43
C PHE B 72 13.74 7.82 -23.19
N GLY B 73 14.02 7.12 -22.08
CA GLY B 73 14.36 7.75 -20.82
C GLY B 73 13.19 8.31 -20.03
N ILE B 74 11.97 8.12 -20.51
CA ILE B 74 10.77 8.73 -19.93
C ILE B 74 9.90 7.62 -19.34
N TRP B 75 9.62 7.69 -18.04
CA TRP B 75 8.61 6.81 -17.47
C TRP B 75 7.24 7.19 -18.02
N ARG B 76 6.40 6.18 -18.27
CA ARG B 76 5.16 6.35 -18.98
C ARG B 76 4.00 6.24 -17.98
N TYR B 77 2.86 5.71 -18.42
CA TYR B 77 1.67 5.71 -17.58
C TYR B 77 1.73 4.56 -16.58
N GLU B 78 1.61 4.89 -15.31
CA GLU B 78 1.65 3.87 -14.26
C GLU B 78 0.36 3.05 -14.27
N GLU B 79 0.51 1.76 -13.99
CA GLU B 79 -0.61 0.85 -13.74
C GLU B 79 -0.47 0.32 -12.32
N LYS B 80 -1.52 0.49 -11.52
CA LYS B 80 -1.46 0.21 -10.10
C LYS B 80 -2.47 -0.87 -9.72
N CYS B 81 -2.10 -1.71 -8.76
CA CYS B 81 -3.04 -2.65 -8.17
C CYS B 81 -2.63 -2.90 -6.72
N TYR B 82 -3.45 -3.69 -6.03
CA TYR B 82 -3.18 -4.04 -4.64
C TYR B 82 -3.15 -5.55 -4.50
N TYR B 83 -2.14 -6.04 -3.82
CA TYR B 83 -2.04 -7.44 -3.47
C TYR B 83 -2.71 -7.63 -2.11
N LEU B 84 -3.68 -8.53 -2.05
CA LEU B 84 -4.41 -8.82 -0.81
C LEU B 84 -4.12 -10.25 -0.35
N PRO B 85 -3.22 -10.46 0.62
CA PRO B 85 -2.93 -11.82 1.09
C PRO B 85 -3.91 -12.35 2.13
N PHE B 86 -3.38 -12.84 3.26
CA PHE B 86 -4.08 -13.70 4.22
C PHE B 86 -5.01 -14.72 3.57
N GLU B 87 -6.29 -14.45 3.80
CA GLU B 87 -7.47 -15.26 3.51
C GLU B 87 -8.62 -14.25 3.53
N ASP B 88 -8.73 -13.53 4.64
CA ASP B 88 -9.32 -12.21 4.74
C ASP B 88 -8.55 -11.46 5.81
N GLY B 89 -8.79 -10.16 5.91
CA GLY B 89 -8.05 -9.35 6.85
C GLY B 89 -8.36 -9.74 8.28
N LYS B 90 -7.32 -9.75 9.10
CA LYS B 90 -7.53 -9.92 10.53
C LYS B 90 -8.20 -8.67 11.10
N PRO B 91 -8.93 -8.82 12.20
CA PRO B 91 -9.52 -7.64 12.84
C PRO B 91 -8.45 -6.64 13.25
N PHE B 92 -8.84 -5.37 13.32
CA PHE B 92 -7.92 -4.30 13.63
C PHE B 92 -8.47 -3.46 14.77
N GLU B 93 -7.55 -2.80 15.47
CA GLU B 93 -7.90 -1.70 16.36
C GLU B 93 -7.16 -0.45 15.91
N LEU B 94 -7.90 0.61 15.64
CA LEU B 94 -7.33 1.92 15.36
C LEU B 94 -7.59 2.80 16.59
N CYS B 95 -6.52 3.40 17.09
CA CYS B 95 -6.65 4.35 18.22
C CYS B 95 -6.06 5.67 17.77
N ILE B 96 -6.86 6.72 17.87
CA ILE B 96 -6.35 8.05 17.56
C ILE B 96 -6.37 8.81 18.87
N TYR B 97 -5.18 9.04 19.44
CA TYR B 97 -5.01 9.77 20.69
C TYR B 97 -4.90 11.26 20.42
N VAL B 98 -5.68 12.05 21.13
CA VAL B 98 -5.64 13.50 20.96
C VAL B 98 -4.64 14.05 21.97
N ARG B 99 -3.50 14.53 21.47
CA ARG B 99 -2.52 15.21 22.31
C ARG B 99 -2.58 16.71 22.07
N HIS B 100 -1.78 17.47 22.83
CA HIS B 100 -1.91 18.92 22.78
C HIS B 100 -1.59 19.46 21.38
N LYS B 101 -0.61 18.89 20.69
CA LYS B 101 -0.19 19.45 19.42
C LYS B 101 -0.41 18.52 18.24
N GLU B 102 -0.90 17.30 18.46
CA GLU B 102 -0.94 16.31 17.41
C GLU B 102 -1.95 15.22 17.74
N TYR B 103 -2.37 14.51 16.72
CA TYR B 103 -3.00 13.21 16.91
C TYR B 103 -1.92 12.14 16.83
N LYS B 104 -1.90 11.24 17.80
CA LYS B 104 -1.02 10.08 17.73
C LYS B 104 -1.84 8.91 17.23
N VAL B 105 -1.46 8.36 16.07
CA VAL B 105 -2.23 7.33 15.40
C VAL B 105 -1.58 5.99 15.70
N MET B 106 -2.38 5.06 16.23
CA MET B 106 -1.94 3.72 16.58
C MET B 106 -2.80 2.70 15.83
N VAL B 107 -2.15 1.70 15.24
CA VAL B 107 -2.84 0.59 14.59
C VAL B 107 -2.41 -0.70 15.28
N ASN B 108 -3.36 -1.41 15.88
CA ASN B 108 -3.08 -2.67 16.58
C ASN B 108 -1.99 -2.50 17.63
N GLY B 109 -2.08 -1.43 18.39
CA GLY B 109 -1.15 -1.16 19.46
C GLY B 109 0.17 -0.56 19.04
N GLN B 110 0.38 -0.30 17.76
CA GLN B 110 1.64 0.26 17.27
C GLN B 110 1.43 1.70 16.84
N ARG B 111 2.20 2.62 17.42
CA ARG B 111 2.14 4.01 17.00
C ARG B 111 2.83 4.17 15.65
N ILE B 112 2.07 4.59 14.64
CA ILE B 112 2.61 4.70 13.29
C ILE B 112 2.83 6.14 12.85
N TYR B 113 2.20 7.13 13.49
CA TYR B 113 2.30 8.48 12.94
C TYR B 113 1.80 9.49 13.96
N ASN B 114 2.45 10.65 13.99
CA ASN B 114 2.01 11.81 14.76
C ASN B 114 1.63 12.90 13.75
N PHE B 115 0.34 13.24 13.68
CA PHE B 115 -0.21 14.21 12.75
C PHE B 115 -0.44 15.53 13.49
N ALA B 116 0.33 16.56 13.13
CA ALA B 116 0.19 17.84 13.81
C ALA B 116 -1.19 18.43 13.55
N HIS B 117 -1.80 19.00 14.60
CA HIS B 117 -3.12 19.60 14.43
C HIS B 117 -3.07 20.71 13.39
N ARG B 118 -4.04 20.69 12.49
CA ARG B 118 -4.27 21.80 11.57
C ARG B 118 -5.47 22.64 11.97
N PHE B 119 -6.33 22.13 12.84
CA PHE B 119 -7.39 22.83 13.54
C PHE B 119 -7.21 22.58 15.03
N PRO B 120 -7.68 23.47 15.89
CA PRO B 120 -7.79 23.13 17.31
C PRO B 120 -8.68 21.91 17.49
N PRO B 121 -8.26 20.93 18.29
CA PRO B 121 -9.08 19.72 18.44
C PRO B 121 -10.50 20.02 18.88
N ALA B 122 -10.73 21.11 19.62
CA ALA B 122 -12.08 21.54 19.95
C ALA B 122 -12.94 21.78 18.70
N SER B 123 -12.33 22.02 17.54
CA SER B 123 -13.12 22.29 16.34
C SER B 123 -13.83 21.05 15.82
N VAL B 124 -13.43 19.85 16.24
CA VAL B 124 -14.03 18.64 15.71
C VAL B 124 -15.39 18.41 16.35
N LYS B 125 -16.41 18.23 15.51
CA LYS B 125 -17.77 18.06 16.01
C LYS B 125 -18.40 16.74 15.59
N MET B 126 -17.82 16.03 14.64
CA MET B 126 -18.45 14.84 14.10
C MET B 126 -17.36 13.89 13.63
N LEU B 127 -17.58 12.60 13.88
CA LEU B 127 -16.73 11.52 13.43
C LEU B 127 -17.49 10.69 12.40
N GLN B 128 -16.80 10.30 11.32
CA GLN B 128 -17.39 9.42 10.32
C GLN B 128 -16.44 8.28 10.03
N VAL B 129 -16.96 7.05 9.99
CA VAL B 129 -16.15 5.85 9.74
C VAL B 129 -16.84 5.04 8.65
N PHE B 130 -16.13 4.74 7.57
CA PHE B 130 -16.81 4.03 6.48
C PHE B 130 -15.79 3.38 5.54
N ARG B 131 -16.30 2.89 4.40
CA ARG B 131 -15.63 2.07 3.39
C ARG B 131 -15.65 0.58 3.78
N ASP B 132 -14.55 -0.12 3.55
CA ASP B 132 -14.58 -1.57 3.37
C ASP B 132 -14.27 -2.31 4.68
N ILE B 133 -15.13 -2.07 5.66
CA ILE B 133 -15.00 -2.66 6.98
C ILE B 133 -16.36 -3.06 7.51
N SER B 134 -16.37 -4.09 8.34
CA SER B 134 -17.50 -4.31 9.23
C SER B 134 -17.08 -3.80 10.59
N LEU B 135 -17.89 -2.92 11.14
CA LEU B 135 -17.52 -2.15 12.33
C LEU B 135 -18.01 -2.85 13.58
N THR B 136 -17.10 -3.03 14.54
CA THR B 136 -17.41 -3.72 15.78
C THR B 136 -17.65 -2.74 16.93
N ARG B 137 -16.72 -1.81 17.16
CA ARG B 137 -16.89 -0.82 18.22
C ARG B 137 -16.38 0.53 17.73
N VAL B 138 -17.05 1.60 18.15
CA VAL B 138 -16.54 2.95 18.05
C VAL B 138 -16.78 3.62 19.39
N LEU B 139 -15.71 4.03 20.06
CA LEU B 139 -15.91 4.72 21.33
C LEU B 139 -14.86 5.82 21.51
N ILE B 140 -15.21 6.76 22.38
CA ILE B 140 -14.31 7.84 22.79
C ILE B 140 -13.98 7.61 24.25
N SER B 141 -12.71 7.37 24.55
CA SER B 141 -12.25 7.17 25.92
C SER B 141 -11.35 8.32 26.33
N ASP B 142 -11.04 8.39 27.62
CA ASP B 142 -10.12 9.42 28.10
C ASP B 142 -9.22 8.92 29.22
#